data_5TOO
#
_entry.id   5TOO
#
_cell.length_a   113.329
_cell.length_b   113.329
_cell.length_c   69.790
_cell.angle_alpha   90.000
_cell.angle_beta   90.000
_cell.angle_gamma   90.000
#
_symmetry.space_group_name_H-M   'I 4'
#
loop_
_entity.id
_entity.type
_entity.pdbx_description
1 polymer 'Alkaline phosphatase PafA'
2 non-polymer 'ZINC ION'
3 non-polymer 'CHLORIDE ION'
4 water water
#
_entity_poly.entity_id   1
_entity_poly.type   'polypeptide(L)'
_entity_poly.pdbx_seq_one_letter_code
;MDIGIDSDPQKTNAVPRPKLVVGLVVDQMRWDYLYRYYSKYGEGGFKRMLNTGYSLNNVHIDYVPTVSAIGHTSIFTGSV
PSIHGIAGADWYDKELGKSVYCTSDETVQPVGTTSNSVGQHSPRNLWSTTVTDQLGLATNFTSKVVGVSLADAASILPAG
HNPTGAFWFDDTTGKFITSTYYTKELPKWVNDFNNKNVPAQLVANGWNTLLPINQYTESSEDNVEWEGLLGSKKTPTFPY
TDLAKDYEAKKGLIRTTPFGNTLTLQMADAAIDGNQMGVDDITDFLTVNLASTDYVGHNFGPNSIEVEDTYLRLDRDLAD
FFNNLDKKVGKGNYLVFLSADHGAAHSVGFMQAHKMPTGFFVEDMKKEMNAKLKQKFGADNIIAAAMNYQVYFDRKVLAD
SKLELDDVRDYVMTELKKEPSVLYVLSTDEIWESSIPEPIKSRVINGYNWKRSGDIQIISKDGYLSAYSKKGTTHSVWNS
YDSHIPLLFMGWGIKQGESNQPYHMTDIAPTVSSLLKIQFPSGAVGKPITEVIGRIEGRSAWSHPQFEK
;
_entity_poly.pdbx_strand_id   A
#
loop_
_chem_comp.id
_chem_comp.type
_chem_comp.name
_chem_comp.formula
CL non-polymer 'CHLORIDE ION' 'Cl -1'
ZN non-polymer 'ZINC ION' 'Zn 2'
#
# COMPACT_ATOMS: atom_id res chain seq x y z
N ASN A 13 6.72 -35.05 -15.35
CA ASN A 13 5.73 -35.68 -14.45
C ASN A 13 5.17 -34.84 -13.24
N ALA A 14 5.64 -33.61 -13.00
CA ALA A 14 5.33 -32.79 -11.80
C ALA A 14 4.26 -31.71 -12.15
N VAL A 15 3.65 -31.02 -11.17
CA VAL A 15 2.64 -29.99 -11.45
C VAL A 15 3.32 -28.84 -12.22
N PRO A 16 2.92 -28.50 -13.52
CA PRO A 16 3.60 -27.41 -14.24
C PRO A 16 3.49 -26.11 -13.47
N ARG A 17 4.63 -25.46 -13.27
CA ARG A 17 4.70 -24.21 -12.52
C ARG A 17 5.82 -23.33 -13.06
N PRO A 18 5.71 -22.02 -12.91
CA PRO A 18 6.85 -21.15 -13.17
C PRO A 18 7.91 -21.33 -12.12
N LYS A 19 9.13 -20.92 -12.47
CA LYS A 19 10.23 -21.03 -11.51
C LYS A 19 10.16 -19.92 -10.49
N LEU A 20 9.58 -18.80 -10.87
CA LEU A 20 9.51 -17.64 -9.99
C LEU A 20 8.19 -16.95 -10.24
N VAL A 21 7.60 -16.42 -9.18
CA VAL A 21 6.57 -15.41 -9.38
C VAL A 21 6.99 -14.20 -8.59
N VAL A 22 6.77 -13.05 -9.20
CA VAL A 22 7.09 -11.76 -8.63
C VAL A 22 5.79 -11.02 -8.43
N GLY A 23 5.53 -10.58 -7.21
CA GLY A 23 4.43 -9.70 -6.94
C GLY A 23 4.86 -8.28 -6.69
N LEU A 24 4.52 -7.41 -7.60
CA LEU A 24 4.88 -6.00 -7.58
C LEU A 24 3.66 -5.17 -7.17
N VAL A 25 3.83 -4.34 -6.15
CA VAL A 25 2.80 -3.38 -5.79
C VAL A 25 3.41 -2.01 -5.87
N VAL A 26 2.81 -1.16 -6.69
CA VAL A 26 3.19 0.22 -6.84
C VAL A 26 2.24 1.03 -5.98
N ASP A 27 2.76 1.49 -4.86
CA ASP A 27 1.95 2.10 -3.84
C ASP A 27 1.34 3.41 -4.33
N GLN A 28 0.03 3.58 -4.13
CA GLN A 28 -0.71 4.78 -4.55
C GLN A 28 -0.82 4.93 -6.07
N MET A 29 -0.51 3.89 -6.85
CA MET A 29 -0.62 3.98 -8.31
C MET A 29 -2.08 3.89 -8.75
N ARG A 30 -2.65 5.03 -9.09
CA ARG A 30 -3.89 5.05 -9.82
C ARG A 30 -3.75 4.31 -11.15
N TRP A 31 -4.81 3.57 -11.50
CA TRP A 31 -4.88 2.91 -12.81
C TRP A 31 -4.48 3.84 -13.96
N ASP A 32 -4.95 5.09 -13.94
CA ASP A 32 -4.74 5.93 -15.11
C ASP A 32 -3.33 6.52 -15.20
N TYR A 33 -2.43 6.25 -14.26
CA TYR A 33 -1.04 6.59 -14.50
C TYR A 33 -0.52 5.81 -15.70
N LEU A 34 -1.08 4.62 -15.95
CA LEU A 34 -0.68 3.84 -17.12
C LEU A 34 -0.92 4.60 -18.43
N TYR A 35 -1.94 5.44 -18.50
CA TYR A 35 -2.37 6.03 -19.76
C TYR A 35 -2.12 7.53 -19.86
N ARG A 36 -2.18 8.27 -18.74
CA ARG A 36 -1.88 9.70 -18.78
C ARG A 36 -0.45 9.98 -19.26
N TYR A 37 0.49 9.06 -19.00
CA TYR A 37 1.87 9.24 -19.43
C TYR A 37 2.27 8.25 -20.52
N TYR A 38 1.29 7.55 -21.10
CA TYR A 38 1.60 6.45 -22.02
C TYR A 38 2.59 6.88 -23.09
N SER A 39 2.42 8.09 -23.63
CA SER A 39 3.27 8.58 -24.71
C SER A 39 4.74 8.70 -24.30
N LYS A 40 5.06 8.86 -23.02
CA LYS A 40 6.45 9.08 -22.61
C LYS A 40 7.12 7.86 -22.01
N TYR A 41 6.41 6.75 -21.88
CA TYR A 41 7.03 5.53 -21.40
C TYR A 41 7.87 4.89 -22.49
N GLY A 42 8.98 4.28 -22.09
CA GLY A 42 9.72 3.42 -22.96
C GLY A 42 8.92 2.16 -23.28
N GLU A 43 9.59 1.22 -23.93
CA GLU A 43 8.92 0.03 -24.41
C GLU A 43 9.07 -1.17 -23.48
N GLY A 44 9.94 -1.09 -22.47
CA GLY A 44 10.31 -2.26 -21.71
C GLY A 44 9.67 -2.41 -20.34
N GLY A 45 8.88 -1.44 -19.88
CA GLY A 45 8.37 -1.44 -18.51
C GLY A 45 6.87 -1.66 -18.47
N PHE A 46 6.14 -0.64 -18.04
CA PHE A 46 4.68 -0.65 -18.15
C PHE A 46 4.23 -1.13 -19.52
N LYS A 47 4.72 -0.51 -20.60
CA LYS A 47 4.26 -0.90 -21.93
C LYS A 47 4.56 -2.37 -22.24
N ARG A 48 5.61 -2.94 -21.64
CA ARG A 48 5.87 -4.36 -21.87
C ARG A 48 4.77 -5.21 -21.23
N MET A 49 4.39 -4.87 -20.00
CA MET A 49 3.30 -5.57 -19.36
C MET A 49 2.06 -5.49 -20.23
N LEU A 50 1.76 -4.30 -20.75
CA LEU A 50 0.56 -4.13 -21.56
C LEU A 50 0.66 -4.88 -22.88
N ASN A 51 1.83 -4.89 -23.49
CA ASN A 51 1.97 -5.39 -24.85
C ASN A 51 2.26 -6.87 -24.93
N THR A 52 2.69 -7.51 -23.85
CA THR A 52 2.95 -8.94 -23.85
C THR A 52 2.15 -9.66 -22.77
N GLY A 53 1.45 -8.93 -21.91
CA GLY A 53 0.59 -9.56 -20.92
C GLY A 53 -0.87 -9.16 -20.98
N TYR A 54 -1.51 -9.25 -19.82
CA TYR A 54 -2.95 -9.06 -19.69
C TYR A 54 -3.23 -7.96 -18.69
N SER A 55 -4.04 -7.01 -19.09
CA SER A 55 -4.39 -5.86 -18.29
C SER A 55 -5.86 -5.93 -17.95
N LEU A 56 -6.18 -5.88 -16.67
CA LEU A 56 -7.55 -5.78 -16.19
C LEU A 56 -7.81 -4.32 -15.85
N ASN A 57 -8.63 -3.67 -16.68
CA ASN A 57 -8.79 -2.23 -16.61
C ASN A 57 -9.98 -1.79 -15.77
N ASN A 58 -10.69 -2.72 -15.15
CA ASN A 58 -11.85 -2.37 -14.33
C ASN A 58 -11.81 -3.16 -13.00
N VAL A 59 -10.75 -2.95 -12.24
CA VAL A 59 -10.53 -3.61 -10.94
C VAL A 59 -10.71 -2.58 -9.84
N HIS A 60 -11.53 -2.92 -8.86
CA HIS A 60 -11.79 -2.05 -7.73
C HIS A 60 -11.52 -2.73 -6.40
N ILE A 61 -11.15 -1.91 -5.43
CA ILE A 61 -10.86 -2.41 -4.08
C ILE A 61 -12.20 -2.59 -3.37
N ASP A 62 -12.42 -3.77 -2.82
CA ASP A 62 -13.76 -4.13 -2.35
C ASP A 62 -13.90 -3.96 -0.84
N TYR A 63 -13.25 -2.97 -0.26
CA TYR A 63 -13.51 -2.56 1.12
C TYR A 63 -13.25 -1.08 1.25
N VAL A 64 -13.65 -0.54 2.39
CA VAL A 64 -13.15 0.76 2.83
C VAL A 64 -12.64 0.57 4.27
N PRO A 65 -11.68 1.40 4.73
CA PRO A 65 -11.03 2.52 4.06
C PRO A 65 -9.84 2.07 3.23
N THR A 66 -9.55 2.76 2.13
CA THR A 66 -8.45 2.39 1.24
C THR A 66 -7.14 3.01 1.73
N VAL A 67 -6.75 2.63 2.94
CA VAL A 67 -5.53 3.15 3.54
C VAL A 67 -4.38 2.16 3.39
N SER A 68 -3.26 2.52 4.02
CA SER A 68 -2.06 1.73 4.05
C SER A 68 -2.28 0.39 4.75
N ALA A 69 -1.37 -0.54 4.48
CA ALA A 69 -1.33 -1.87 5.09
C ALA A 69 -2.45 -2.78 4.59
N ILE A 70 -3.68 -2.30 4.52
CA ILE A 70 -4.80 -3.17 4.14
C ILE A 70 -4.66 -3.62 2.68
N GLY A 71 -4.37 -2.68 1.77
CA GLY A 71 -4.26 -3.03 0.37
C GLY A 71 -3.23 -4.11 0.13
N HIS A 72 -2.05 -3.97 0.75
CA HIS A 72 -1.03 -4.99 0.66
C HIS A 72 -1.55 -6.30 1.24
N THR A 73 -2.14 -6.24 2.42
CA THR A 73 -2.71 -7.45 3.03
C THR A 73 -3.74 -8.08 2.09
N SER A 74 -4.70 -7.28 1.62
CA SER A 74 -5.80 -7.82 0.83
C SER A 74 -5.32 -8.40 -0.49
N ILE A 75 -4.40 -7.71 -1.17
CA ILE A 75 -3.81 -8.27 -2.40
C ILE A 75 -3.31 -9.71 -2.18
N PHE A 76 -2.55 -9.92 -1.11
CA PHE A 76 -1.89 -11.21 -0.93
C PHE A 76 -2.70 -12.22 -0.12
N THR A 77 -3.76 -11.80 0.58
CA THR A 77 -4.69 -12.75 1.23
C THR A 77 -5.94 -13.04 0.44
N GLY A 78 -6.28 -12.22 -0.54
CA GLY A 78 -7.55 -12.41 -1.20
C GLY A 78 -8.69 -12.17 -0.24
N SER A 79 -8.45 -11.44 0.84
CA SER A 79 -9.40 -11.31 1.92
C SER A 79 -9.66 -9.85 2.21
N VAL A 80 -10.54 -9.59 3.18
CA VAL A 80 -10.91 -8.23 3.57
C VAL A 80 -10.70 -8.04 5.07
N PRO A 81 -10.65 -6.79 5.52
CA PRO A 81 -10.30 -6.51 6.92
C PRO A 81 -11.19 -7.21 7.95
N SER A 82 -12.49 -7.33 7.67
CA SER A 82 -13.37 -8.00 8.61
C SER A 82 -12.83 -9.37 8.99
N ILE A 83 -12.18 -10.05 8.05
CA ILE A 83 -11.67 -11.39 8.24
C ILE A 83 -10.17 -11.38 8.63
N HIS A 84 -9.33 -10.65 7.88
CA HIS A 84 -7.89 -10.87 7.99
C HIS A 84 -7.25 -10.08 9.11
N GLY A 85 -7.95 -9.09 9.68
CA GLY A 85 -7.52 -8.43 10.89
C GLY A 85 -6.75 -7.14 10.70
N ILE A 86 -6.25 -6.86 9.49
CA ILE A 86 -5.45 -5.67 9.24
C ILE A 86 -6.43 -4.56 8.91
N ALA A 87 -6.80 -3.80 9.92
CA ALA A 87 -7.90 -2.85 9.83
C ALA A 87 -7.47 -1.43 9.46
N GLY A 88 -6.17 -1.24 9.23
CA GLY A 88 -5.57 0.05 8.93
C GLY A 88 -4.08 -0.07 9.16
N ALA A 89 -3.36 1.00 8.80
CA ALA A 89 -1.97 1.10 9.25
C ALA A 89 -1.90 1.15 10.76
N ASP A 90 -2.85 1.84 11.37
CA ASP A 90 -3.06 1.87 12.80
C ASP A 90 -4.54 1.66 13.08
N TRP A 91 -4.84 1.22 14.30
CA TRP A 91 -6.22 1.14 14.75
C TRP A 91 -6.25 1.28 16.28
N TYR A 92 -7.43 1.59 16.81
CA TYR A 92 -7.64 1.64 18.24
C TYR A 92 -8.13 0.27 18.69
N ASP A 93 -7.34 -0.38 19.55
CA ASP A 93 -7.69 -1.67 20.12
C ASP A 93 -8.23 -1.43 21.53
N LYS A 94 -9.54 -1.57 21.69
CA LYS A 94 -10.17 -1.16 22.95
C LYS A 94 -9.64 -1.97 24.13
N GLU A 95 -9.36 -3.25 23.93
CA GLU A 95 -8.84 -4.05 25.04
C GLU A 95 -7.40 -3.68 25.35
N LEU A 96 -6.67 -3.12 24.40
CA LEU A 96 -5.36 -2.56 24.70
C LEU A 96 -5.43 -1.11 25.15
N GLY A 97 -6.57 -0.45 25.01
CA GLY A 97 -6.72 0.93 25.45
C GLY A 97 -5.74 1.90 24.82
N LYS A 98 -5.14 1.51 23.69
CA LYS A 98 -4.25 2.40 22.97
C LYS A 98 -4.37 2.10 21.49
N SER A 99 -3.84 3.01 20.69
CA SER A 99 -3.67 2.75 19.27
C SER A 99 -2.57 1.72 19.08
N VAL A 100 -2.64 1.03 17.95
CA VAL A 100 -1.74 -0.07 17.61
C VAL A 100 -1.28 0.13 16.18
N TYR A 101 -0.01 -0.08 15.92
CA TYR A 101 0.50 -0.07 14.57
C TYR A 101 0.50 -1.50 14.04
N CYS A 102 0.21 -1.63 12.75
CA CYS A 102 -0.21 -2.92 12.19
C CYS A 102 0.82 -4.02 12.38
N THR A 103 2.10 -3.71 12.26
CA THR A 103 3.12 -4.74 12.37
C THR A 103 3.94 -4.64 13.65
N SER A 104 3.67 -3.69 14.52
CA SER A 104 4.48 -3.54 15.73
C SER A 104 4.39 -4.82 16.55
N ASP A 105 5.56 -5.32 16.99
CA ASP A 105 5.64 -6.59 17.72
C ASP A 105 6.80 -6.51 18.71
N GLU A 106 6.47 -6.30 19.98
CA GLU A 106 7.46 -6.06 21.03
C GLU A 106 8.29 -7.30 21.36
N THR A 107 7.87 -8.48 20.92
CA THR A 107 8.47 -9.75 21.29
C THR A 107 9.61 -10.16 20.38
N VAL A 108 9.95 -9.33 19.39
CA VAL A 108 11.04 -9.59 18.47
C VAL A 108 12.05 -8.46 18.61
N GLN A 109 13.25 -8.68 18.09
CA GLN A 109 14.36 -7.72 18.16
C GLN A 109 14.75 -7.24 16.77
N PRO A 110 15.32 -6.04 16.67
CA PRO A 110 15.86 -5.60 15.39
C PRO A 110 17.07 -6.44 15.01
N VAL A 111 17.17 -6.69 13.72
CA VAL A 111 18.27 -7.44 13.12
C VAL A 111 18.88 -6.56 12.05
N GLY A 112 20.16 -6.22 12.20
CA GLY A 112 20.86 -5.33 11.30
C GLY A 112 20.94 -3.88 11.76
N THR A 113 20.21 -3.54 12.81
CA THR A 113 20.15 -2.17 13.31
C THR A 113 19.83 -2.27 14.80
N THR A 114 20.01 -1.16 15.50
CA THR A 114 19.73 -1.09 16.93
C THR A 114 18.42 -0.39 17.26
N SER A 115 17.70 0.13 16.28
CA SER A 115 16.50 0.88 16.56
C SER A 115 15.34 -0.08 16.79
N ASN A 116 14.71 0.01 17.96
CA ASN A 116 13.55 -0.81 18.22
C ASN A 116 12.37 -0.41 17.33
N SER A 117 12.04 0.89 17.31
CA SER A 117 10.89 1.34 16.55
C SER A 117 11.04 1.04 15.05
N VAL A 118 12.27 0.89 14.55
CA VAL A 118 12.46 0.51 13.16
C VAL A 118 12.35 -1.00 12.98
N GLY A 119 12.87 -1.79 13.92
CA GLY A 119 13.02 -3.21 13.70
C GLY A 119 12.06 -4.14 14.40
N GLN A 120 11.28 -3.64 15.35
CA GLN A 120 10.39 -4.51 16.13
C GLN A 120 9.06 -4.65 15.39
N HIS A 121 9.08 -5.46 14.33
CA HIS A 121 7.90 -5.66 13.48
C HIS A 121 7.81 -7.12 13.05
N SER A 122 6.57 -7.56 12.83
CA SER A 122 6.31 -8.95 12.48
C SER A 122 4.92 -9.02 11.87
N PRO A 123 4.53 -10.19 11.33
CA PRO A 123 3.21 -10.33 10.73
C PRO A 123 2.14 -10.90 11.67
N ARG A 124 2.33 -10.72 12.96
CA ARG A 124 1.48 -11.47 13.89
C ARG A 124 0.07 -10.90 13.98
N ASN A 125 -0.16 -9.63 13.67
CA ASN A 125 -1.54 -9.15 13.68
C ASN A 125 -2.40 -9.69 12.53
N LEU A 126 -1.79 -10.40 11.59
CA LEU A 126 -2.47 -10.87 10.40
C LEU A 126 -3.10 -12.23 10.70
N TRP A 127 -4.42 -12.32 10.58
CA TRP A 127 -5.14 -13.53 10.99
C TRP A 127 -5.26 -14.57 9.90
N SER A 128 -5.14 -14.18 8.66
CA SER A 128 -5.35 -15.08 7.55
C SER A 128 -4.02 -15.37 6.87
N THR A 129 -3.97 -16.51 6.19
CA THR A 129 -2.79 -16.83 5.41
C THR A 129 -2.75 -15.99 4.12
N THR A 130 -1.56 -15.89 3.56
CA THR A 130 -1.31 -15.24 2.28
C THR A 130 -1.09 -16.31 1.23
N VAL A 131 -1.11 -15.88 -0.02
CA VAL A 131 -0.74 -16.78 -1.11
C VAL A 131 0.71 -17.24 -0.95
N THR A 132 1.57 -16.38 -0.41
CA THR A 132 2.94 -16.77 -0.11
C THR A 132 3.02 -17.84 0.98
N ASP A 133 2.15 -17.77 1.99
CA ASP A 133 2.02 -18.89 2.94
C ASP A 133 1.61 -20.17 2.23
N GLN A 134 0.59 -20.09 1.38
CA GLN A 134 0.07 -21.28 0.74
C GLN A 134 1.09 -21.89 -0.19
N LEU A 135 1.93 -21.06 -0.82
CA LEU A 135 3.00 -21.65 -1.62
C LEU A 135 4.00 -22.41 -0.74
N GLY A 136 4.35 -21.83 0.41
CA GLY A 136 5.18 -22.56 1.36
C GLY A 136 4.54 -23.87 1.82
N LEU A 137 3.25 -23.83 2.12
CA LEU A 137 2.55 -25.04 2.54
C LEU A 137 2.49 -26.07 1.42
N ALA A 138 2.43 -25.63 0.16
CA ALA A 138 2.25 -26.58 -0.93
C ALA A 138 3.55 -27.28 -1.32
N THR A 139 4.69 -26.66 -1.04
CA THR A 139 5.98 -27.21 -1.40
C THR A 139 6.75 -27.68 -0.17
N ASN A 140 6.06 -27.82 0.96
CA ASN A 140 6.71 -28.23 2.21
C ASN A 140 7.83 -27.27 2.59
N PHE A 141 7.66 -25.99 2.27
CA PHE A 141 8.52 -24.88 2.67
C PHE A 141 9.92 -24.94 2.05
N THR A 142 10.02 -25.58 0.89
CA THR A 142 11.22 -25.53 0.08
C THR A 142 11.24 -24.34 -0.85
N SER A 143 10.20 -23.51 -0.80
CA SER A 143 10.12 -22.34 -1.63
C SER A 143 10.88 -21.19 -1.01
N LYS A 144 11.58 -20.44 -1.85
CA LYS A 144 12.16 -19.17 -1.46
C LYS A 144 11.11 -18.08 -1.55
N VAL A 145 10.81 -17.46 -0.41
CA VAL A 145 9.82 -16.42 -0.30
C VAL A 145 10.49 -15.24 0.38
N VAL A 146 10.54 -14.11 -0.33
CA VAL A 146 11.21 -12.91 0.17
C VAL A 146 10.38 -11.68 -0.15
N GLY A 147 10.27 -10.81 0.85
CA GLY A 147 9.58 -9.54 0.70
C GLY A 147 10.59 -8.40 0.84
N VAL A 148 10.39 -7.37 0.02
CA VAL A 148 11.22 -6.18 0.02
C VAL A 148 10.34 -4.97 -0.14
N SER A 149 10.58 -3.98 0.71
CA SER A 149 9.96 -2.68 0.58
C SER A 149 10.77 -1.72 1.41
N LEU A 150 10.62 -0.43 1.14
CA LEU A 150 11.17 0.54 2.06
C LEU A 150 10.43 0.48 3.38
N ALA A 151 9.11 0.32 3.31
CA ALA A 151 8.26 0.40 4.49
C ALA A 151 7.99 -1.00 5.01
N ASP A 152 8.03 -1.11 6.33
CA ASP A 152 7.92 -2.39 7.01
C ASP A 152 6.65 -3.16 6.60
N ALA A 153 5.46 -2.56 6.76
CA ALA A 153 4.21 -3.30 6.54
C ALA A 153 4.10 -3.86 5.12
N ALA A 154 4.57 -3.09 4.12
CA ALA A 154 4.50 -3.49 2.72
C ALA A 154 5.51 -4.58 2.37
N SER A 155 6.47 -4.87 3.23
CA SER A 155 7.32 -6.04 3.04
C SER A 155 6.79 -7.22 3.83
N ILE A 156 6.50 -6.98 5.11
CA ILE A 156 6.13 -8.05 6.03
C ILE A 156 4.84 -8.75 5.60
N LEU A 157 3.78 -7.98 5.40
CA LEU A 157 2.46 -8.57 5.19
C LEU A 157 2.37 -9.39 3.92
N PRO A 158 2.85 -8.94 2.77
CA PRO A 158 2.83 -9.81 1.56
C PRO A 158 3.60 -11.11 1.73
N ALA A 159 4.72 -11.04 2.42
CA ALA A 159 5.59 -12.19 2.60
C ALA A 159 4.98 -13.23 3.52
N GLY A 160 4.00 -12.84 4.33
CA GLY A 160 3.25 -13.79 5.12
C GLY A 160 3.93 -14.14 6.44
N HIS A 161 3.53 -15.29 6.98
CA HIS A 161 3.88 -15.69 8.33
C HIS A 161 5.14 -16.55 8.40
N ASN A 162 5.59 -17.17 7.29
CA ASN A 162 6.81 -17.97 7.36
C ASN A 162 7.63 -17.92 6.09
N PRO A 163 8.02 -16.73 5.64
CA PRO A 163 8.86 -16.60 4.46
C PRO A 163 10.34 -16.83 4.80
N THR A 164 11.14 -16.93 3.75
CA THR A 164 12.59 -17.02 3.93
C THR A 164 13.12 -15.75 4.56
N GLY A 165 12.60 -14.60 4.15
CA GLY A 165 12.97 -13.33 4.74
C GLY A 165 12.01 -12.23 4.33
N ALA A 166 12.02 -11.15 5.10
CA ALA A 166 11.31 -9.93 4.77
C ALA A 166 12.16 -8.76 5.22
N PHE A 167 12.40 -7.82 4.32
CA PHE A 167 13.38 -6.77 4.57
C PHE A 167 12.77 -5.43 4.31
N TRP A 168 13.08 -4.49 5.17
CA TRP A 168 12.61 -3.14 5.03
C TRP A 168 13.74 -2.17 5.38
N PHE A 169 13.48 -0.89 5.14
CA PHE A 169 14.51 0.14 5.20
C PHE A 169 14.58 0.75 6.59
N ASP A 170 15.81 1.00 7.06
CA ASP A 170 16.07 1.66 8.33
C ASP A 170 16.47 3.11 8.05
N ASP A 171 15.54 4.04 8.31
CA ASP A 171 15.79 5.46 8.09
C ASP A 171 16.96 6.01 8.88
N THR A 172 17.34 5.37 9.98
CA THR A 172 18.40 5.92 10.81
C THR A 172 19.79 5.57 10.30
N THR A 173 19.90 4.56 9.42
CA THR A 173 21.18 4.07 8.94
C THR A 173 21.29 3.92 7.43
N GLY A 174 20.21 4.01 6.66
CA GLY A 174 20.29 3.69 5.25
C GLY A 174 20.42 2.20 4.93
N LYS A 175 20.25 1.33 5.90
CA LYS A 175 20.38 -0.10 5.63
C LYS A 175 19.01 -0.76 5.50
N PHE A 176 19.02 -1.92 4.84
CA PHE A 176 17.89 -2.85 4.88
C PHE A 176 18.13 -3.84 6.01
N ILE A 177 17.14 -3.98 6.88
CA ILE A 177 17.21 -4.71 8.12
C ILE A 177 15.99 -5.65 8.18
N THR A 178 15.88 -6.40 9.27
CA THR A 178 14.71 -7.27 9.49
C THR A 178 14.52 -7.36 11.00
N SER A 179 13.86 -8.41 11.47
CA SER A 179 13.65 -8.59 12.89
C SER A 179 13.88 -10.06 13.23
N THR A 180 13.96 -10.35 14.53
CA THR A 180 14.20 -11.73 14.92
C THR A 180 12.99 -12.62 14.69
N TYR A 181 11.85 -12.08 14.25
CA TYR A 181 10.81 -12.97 13.77
C TYR A 181 11.32 -13.86 12.65
N TYR A 182 12.26 -13.37 11.84
CA TYR A 182 12.70 -14.08 10.65
C TYR A 182 14.01 -14.84 10.86
N THR A 183 15.08 -14.14 11.24
CA THR A 183 16.37 -14.75 11.51
C THR A 183 17.06 -14.05 12.67
N LYS A 184 18.09 -14.68 13.21
CA LYS A 184 18.86 -14.05 14.27
C LYS A 184 19.84 -13.04 13.68
N GLU A 185 20.30 -13.26 12.47
CA GLU A 185 21.34 -12.46 11.84
C GLU A 185 20.92 -12.09 10.42
N LEU A 186 21.30 -10.91 9.97
CA LEU A 186 21.14 -10.57 8.57
C LEU A 186 21.89 -11.58 7.71
N PRO A 187 21.30 -12.03 6.61
CA PRO A 187 22.04 -12.90 5.68
C PRO A 187 23.22 -12.16 5.04
N LYS A 188 24.21 -12.94 4.61
CA LYS A 188 25.42 -12.33 4.06
C LYS A 188 25.09 -11.47 2.86
N TRP A 189 24.14 -11.91 2.03
CA TRP A 189 23.83 -11.15 0.82
C TRP A 189 23.28 -9.78 1.14
N VAL A 190 22.64 -9.62 2.30
CA VAL A 190 22.08 -8.32 2.68
C VAL A 190 23.18 -7.39 3.16
N ASN A 191 24.04 -7.89 4.06
CA ASN A 191 25.18 -7.10 4.53
C ASN A 191 25.98 -6.57 3.36
N ASP A 192 26.29 -7.42 2.37
CA ASP A 192 27.02 -6.97 1.18
C ASP A 192 26.28 -5.84 0.47
N PHE A 193 24.99 -6.03 0.19
CA PHE A 193 24.25 -4.98 -0.51
C PHE A 193 24.27 -3.69 0.28
N ASN A 194 24.10 -3.77 1.60
CA ASN A 194 24.11 -2.57 2.42
C ASN A 194 25.47 -1.88 2.38
N ASN A 195 26.55 -2.64 2.26
CA ASN A 195 27.90 -2.05 2.33
C ASN A 195 28.23 -1.28 1.06
N LYS A 196 27.52 -1.54 -0.04
CA LYS A 196 27.64 -0.74 -1.26
C LYS A 196 27.08 0.66 -1.11
N ASN A 197 26.38 0.95 -0.02
CA ASN A 197 25.68 2.23 0.15
C ASN A 197 25.06 2.70 -1.17
N VAL A 198 24.16 1.86 -1.70
CA VAL A 198 23.41 2.21 -2.90
C VAL A 198 22.64 3.51 -2.72
N PRO A 199 22.08 3.82 -1.55
CA PRO A 199 21.30 5.08 -1.45
C PRO A 199 22.12 6.33 -1.69
N ALA A 200 23.32 6.39 -1.11
CA ALA A 200 24.20 7.53 -1.32
C ALA A 200 24.53 7.70 -2.79
N GLN A 201 24.87 6.61 -3.48
CA GLN A 201 25.12 6.68 -4.90
C GLN A 201 23.96 7.31 -5.65
N LEU A 202 22.74 6.83 -5.39
CA LEU A 202 21.60 7.17 -6.25
C LEU A 202 21.26 8.65 -6.18
N VAL A 203 21.18 9.21 -4.96
CA VAL A 203 20.84 10.68 -4.82
C VAL A 203 22.07 11.61 -4.98
N ALA A 204 23.32 11.19 -5.36
CA ALA A 204 24.49 12.06 -5.32
C ALA A 204 24.27 13.30 -6.16
N ASN A 205 23.66 13.14 -7.34
CA ASN A 205 23.45 14.25 -8.27
C ASN A 205 22.15 15.00 -8.04
N GLY A 206 21.59 15.07 -6.84
CA GLY A 206 20.34 15.74 -6.62
C GLY A 206 19.19 14.96 -7.29
N TRP A 207 18.01 15.58 -7.46
CA TRP A 207 16.90 15.00 -8.26
C TRP A 207 16.53 16.03 -9.30
N ASN A 208 16.76 15.87 -10.67
CA ASN A 208 16.27 16.65 -11.81
C ASN A 208 15.32 15.79 -12.63
N THR A 209 14.43 16.43 -13.38
CA THR A 209 13.56 15.65 -14.25
C THR A 209 14.39 14.82 -15.23
N LEU A 210 13.96 13.57 -15.42
CA LEU A 210 14.60 12.68 -16.38
C LEU A 210 14.53 13.26 -17.78
N LEU A 211 13.36 13.75 -18.15
CA LEU A 211 13.17 14.49 -19.38
C LEU A 211 13.34 15.97 -19.11
N PRO A 212 13.33 16.81 -20.15
CA PRO A 212 13.39 18.26 -19.93
C PRO A 212 12.05 18.79 -19.42
N ILE A 213 12.11 19.60 -18.35
CA ILE A 213 10.92 19.89 -17.55
C ILE A 213 9.78 20.46 -18.36
N ASN A 214 10.08 21.08 -19.51
CA ASN A 214 9.05 21.70 -20.35
C ASN A 214 8.18 20.67 -21.07
N GLN A 215 8.57 19.41 -21.05
CA GLN A 215 7.80 18.37 -21.71
C GLN A 215 6.82 17.68 -20.78
N TYR A 216 6.73 18.10 -19.52
CA TYR A 216 5.80 17.50 -18.56
C TYR A 216 4.43 18.18 -18.67
N THR A 217 3.92 18.11 -19.90
CA THR A 217 2.68 18.74 -20.31
C THR A 217 1.46 18.02 -19.76
N GLU A 218 1.65 16.84 -19.17
CA GLU A 218 0.58 16.16 -18.46
C GLU A 218 0.50 16.59 -17.01
N SER A 219 1.50 17.30 -16.49
CA SER A 219 1.50 17.84 -15.15
C SER A 219 1.10 19.31 -15.18
N SER A 220 0.77 19.81 -14.00
CA SER A 220 0.54 21.24 -13.83
C SER A 220 1.88 21.97 -14.01
N GLU A 221 1.88 23.27 -13.69
CA GLU A 221 3.11 24.04 -13.58
C GLU A 221 3.96 23.46 -12.46
N ASP A 222 5.22 23.89 -12.39
CA ASP A 222 6.11 23.36 -11.36
C ASP A 222 5.83 23.96 -9.99
N ASN A 223 5.39 25.21 -9.91
CA ASN A 223 5.21 25.89 -8.63
C ASN A 223 3.73 26.17 -8.42
N VAL A 224 3.09 25.42 -7.51
CA VAL A 224 1.66 25.55 -7.27
C VAL A 224 1.35 25.52 -5.77
N GLU A 225 0.24 26.18 -5.41
CA GLU A 225 -0.17 26.33 -4.02
C GLU A 225 -0.20 25.00 -3.28
N TRP A 226 -0.67 23.95 -3.94
CA TRP A 226 -1.14 22.73 -3.28
C TRP A 226 -0.05 21.66 -3.14
N GLU A 227 1.20 21.97 -3.48
CA GLU A 227 2.30 21.04 -3.36
C GLU A 227 3.15 21.37 -2.13
N GLY A 228 3.68 20.31 -1.52
CA GLY A 228 4.55 20.45 -0.36
C GLY A 228 6.02 20.46 -0.73
N LEU A 229 6.84 20.63 0.30
CA LEU A 229 8.27 20.86 0.14
C LEU A 229 9.04 19.57 0.38
N LEU A 230 10.23 19.35 -0.24
CA LEU A 230 11.05 18.10 -0.13
C LEU A 230 12.42 18.57 0.27
N GLY A 231 12.92 18.52 1.57
CA GLY A 231 14.24 18.89 2.05
C GLY A 231 14.28 20.33 2.52
N SER A 232 15.51 20.83 2.67
CA SER A 232 15.73 22.24 2.95
C SER A 232 15.02 23.12 1.94
N LYS A 233 14.90 22.63 0.70
CA LYS A 233 14.15 23.33 -0.34
C LYS A 233 12.82 23.85 0.19
N LYS A 234 12.62 25.16 0.06
CA LYS A 234 11.42 25.83 0.56
C LYS A 234 10.54 26.38 -0.56
N THR A 235 10.54 25.69 -1.70
CA THR A 235 9.61 25.95 -2.78
C THR A 235 9.40 24.63 -3.51
N PRO A 236 8.18 24.30 -3.92
CA PRO A 236 7.87 22.95 -4.42
C PRO A 236 8.34 22.72 -5.85
N THR A 237 9.60 23.03 -6.13
CA THR A 237 10.08 23.09 -7.51
C THR A 237 11.35 22.30 -7.70
N PHE A 238 11.58 21.95 -8.97
CA PHE A 238 12.86 21.45 -9.42
C PHE A 238 13.79 22.65 -9.63
N PRO A 239 15.10 22.44 -9.49
CA PRO A 239 15.75 21.17 -9.14
C PRO A 239 15.91 21.03 -7.63
N TYR A 240 16.13 19.79 -7.07
CA TYR A 240 16.33 19.50 -5.63
C TYR A 240 17.86 19.24 -5.55
N THR A 241 18.70 20.30 -5.71
CA THR A 241 20.22 20.22 -5.67
C THR A 241 20.72 19.90 -4.17
N ASP A 242 20.04 20.39 -3.12
CA ASP A 242 20.36 19.96 -1.72
C ASP A 242 20.20 18.41 -1.38
N LEU A 243 19.53 17.60 -2.24
CA LEU A 243 19.29 16.15 -1.99
C LEU A 243 20.50 15.40 -1.29
N ALA A 244 21.73 15.51 -1.80
CA ALA A 244 22.85 14.74 -1.18
C ALA A 244 23.11 15.16 0.34
N LYS A 245 23.24 16.46 0.62
CA LYS A 245 23.56 16.90 2.01
C LYS A 245 22.32 16.50 2.84
N ASP A 246 21.13 17.01 2.47
CA ASP A 246 19.86 16.57 3.17
C ASP A 246 19.70 14.97 3.35
N TYR A 247 20.13 14.16 2.39
CA TYR A 247 19.98 12.70 2.40
C TYR A 247 20.87 12.17 3.54
N GLU A 248 22.18 12.52 3.54
CA GLU A 248 23.05 12.08 4.67
C GLU A 248 22.41 12.45 6.07
N ALA A 249 21.67 13.60 6.30
CA ALA A 249 21.09 14.09 7.55
C ALA A 249 19.78 13.39 7.91
N LYS A 250 18.96 13.05 6.91
CA LYS A 250 17.73 12.27 7.12
C LYS A 250 17.73 11.21 6.03
N LYS A 251 18.16 9.99 6.36
CA LYS A 251 18.20 8.95 5.36
C LYS A 251 16.78 8.60 4.86
N GLY A 252 15.76 8.81 5.67
CA GLY A 252 14.38 8.57 5.24
C GLY A 252 13.94 9.46 4.09
N LEU A 253 14.57 10.66 3.94
CA LEU A 253 14.38 11.55 2.76
C LEU A 253 14.31 10.76 1.41
N ILE A 254 15.23 9.83 1.15
CA ILE A 254 15.19 9.06 -0.14
C ILE A 254 13.79 8.42 -0.41
N ARG A 255 13.00 8.02 0.63
CA ARG A 255 11.63 7.53 0.41
C ARG A 255 10.85 8.41 -0.55
N THR A 256 10.94 9.73 -0.36
CA THR A 256 10.17 10.70 -1.12
C THR A 256 10.90 11.18 -2.35
N THR A 257 11.76 10.37 -2.95
CA THR A 257 12.44 10.58 -4.23
C THR A 257 12.19 9.30 -5.09
N PRO A 258 12.18 9.42 -6.44
CA PRO A 258 12.17 8.23 -7.30
C PRO A 258 13.28 7.25 -6.97
N PHE A 259 14.47 7.75 -6.66
CA PHE A 259 15.53 6.91 -6.13
C PHE A 259 15.05 5.89 -5.06
N GLY A 260 14.06 6.13 -4.16
CA GLY A 260 13.53 5.12 -3.27
C GLY A 260 13.10 3.86 -4.01
N ASN A 261 12.47 4.03 -5.18
CA ASN A 261 12.06 2.87 -5.98
C ASN A 261 13.25 2.18 -6.64
N THR A 262 14.19 2.96 -7.21
CA THR A 262 15.40 2.35 -7.76
C THR A 262 16.12 1.53 -6.69
N LEU A 263 16.29 2.12 -5.50
CA LEU A 263 16.90 1.38 -4.41
C LEU A 263 16.18 0.06 -4.15
N THR A 264 14.84 0.14 -3.98
CA THR A 264 14.05 -1.06 -3.69
C THR A 264 14.29 -2.14 -4.72
N LEU A 265 14.33 -1.78 -6.01
CA LEU A 265 14.43 -2.82 -7.02
C LEU A 265 15.83 -3.44 -7.09
N GLN A 266 16.87 -2.64 -6.85
CA GLN A 266 18.21 -3.26 -6.80
C GLN A 266 18.32 -4.19 -5.61
N MET A 267 17.76 -3.80 -4.45
CA MET A 267 17.66 -4.71 -3.33
C MET A 267 16.93 -5.98 -3.76
N ALA A 268 15.84 -5.85 -4.53
CA ALA A 268 15.13 -7.04 -4.97
C ALA A 268 16.02 -7.91 -5.86
N ASP A 269 16.76 -7.29 -6.79
CA ASP A 269 17.72 -8.04 -7.60
C ASP A 269 18.69 -8.81 -6.71
N ALA A 270 19.15 -8.16 -5.65
CA ALA A 270 20.07 -8.81 -4.73
C ALA A 270 19.40 -9.98 -4.03
N ALA A 271 18.14 -9.78 -3.64
CA ALA A 271 17.39 -10.88 -3.03
C ALA A 271 17.33 -12.07 -3.97
N ILE A 272 17.08 -11.81 -5.25
CA ILE A 272 16.99 -12.91 -6.22
C ILE A 272 18.29 -13.71 -6.25
N ASP A 273 19.41 -13.03 -6.45
CA ASP A 273 20.71 -13.69 -6.50
C ASP A 273 21.06 -14.29 -5.13
N GLY A 274 20.86 -13.52 -4.07
CA GLY A 274 21.24 -13.99 -2.74
C GLY A 274 20.54 -15.26 -2.31
N ASN A 275 19.32 -15.48 -2.78
CA ASN A 275 18.53 -16.64 -2.41
C ASN A 275 18.44 -17.66 -3.52
N GLN A 276 19.12 -17.41 -4.64
CA GLN A 276 19.02 -18.25 -5.83
C GLN A 276 17.56 -18.47 -6.20
N MET A 277 16.81 -17.37 -6.26
CA MET A 277 15.38 -17.42 -6.57
C MET A 277 15.16 -17.70 -8.05
N GLY A 278 14.43 -18.79 -8.34
CA GLY A 278 14.02 -19.08 -9.70
C GLY A 278 15.05 -19.80 -10.55
N VAL A 279 15.96 -20.55 -9.95
CA VAL A 279 16.89 -21.36 -10.72
C VAL A 279 16.42 -22.81 -10.84
N ASP A 280 15.95 -23.42 -9.76
CA ASP A 280 15.49 -24.81 -9.84
C ASP A 280 14.00 -24.86 -10.15
N ASP A 281 13.40 -26.04 -10.04
CA ASP A 281 12.01 -26.21 -10.43
C ASP A 281 11.01 -25.92 -9.30
N ILE A 282 11.46 -25.80 -8.05
CA ILE A 282 10.56 -25.44 -6.96
C ILE A 282 10.21 -23.96 -7.10
N THR A 283 8.93 -23.66 -7.26
CA THR A 283 8.48 -22.27 -7.45
C THR A 283 8.90 -21.40 -6.26
N ASP A 284 9.49 -20.24 -6.54
CA ASP A 284 9.79 -19.21 -5.55
C ASP A 284 8.89 -17.98 -5.73
N PHE A 285 8.90 -17.13 -4.71
CA PHE A 285 7.95 -16.01 -4.65
C PHE A 285 8.66 -14.77 -4.09
N LEU A 286 8.81 -13.77 -4.93
CA LEU A 286 9.36 -12.49 -4.53
C LEU A 286 8.25 -11.47 -4.46
N THR A 287 8.17 -10.71 -3.36
CA THR A 287 7.24 -9.60 -3.26
C THR A 287 7.99 -8.29 -3.11
N VAL A 288 7.57 -7.30 -3.89
CA VAL A 288 8.20 -6.00 -3.94
C VAL A 288 7.12 -4.94 -3.92
N ASN A 289 7.18 -4.05 -2.93
CA ASN A 289 6.36 -2.85 -2.89
C ASN A 289 7.25 -1.68 -3.25
N LEU A 290 6.79 -0.87 -4.20
CA LEU A 290 7.48 0.35 -4.61
C LEU A 290 6.83 1.49 -3.84
N ALA A 291 7.42 1.88 -2.72
CA ALA A 291 6.76 2.81 -1.80
C ALA A 291 6.86 4.27 -2.22
N SER A 292 7.87 4.64 -3.03
CA SER A 292 8.15 6.06 -3.24
C SER A 292 7.07 6.75 -4.06
N THR A 293 6.32 6.02 -4.89
CA THR A 293 5.14 6.63 -5.55
C THR A 293 4.17 7.19 -4.52
N ASP A 294 4.07 6.55 -3.37
CA ASP A 294 3.16 7.01 -2.33
C ASP A 294 3.71 8.24 -1.62
N TYR A 295 4.92 8.13 -1.08
CA TYR A 295 5.57 9.28 -0.46
C TYR A 295 5.52 10.52 -1.35
N VAL A 296 5.99 10.39 -2.60
CA VAL A 296 5.98 11.53 -3.51
C VAL A 296 4.55 11.97 -3.78
N GLY A 297 3.65 11.00 -3.97
CA GLY A 297 2.24 11.34 -4.15
C GLY A 297 1.68 12.06 -2.94
N HIS A 298 1.98 11.57 -1.74
CA HIS A 298 1.44 12.23 -0.55
C HIS A 298 1.89 13.68 -0.48
N ASN A 299 3.08 13.97 -0.98
CA ASN A 299 3.64 15.29 -0.81
C ASN A 299 3.22 16.25 -1.92
N PHE A 300 3.12 15.75 -3.16
CA PHE A 300 2.93 16.61 -4.31
C PHE A 300 1.61 16.38 -5.06
N GLY A 301 0.99 15.22 -4.92
CA GLY A 301 -0.25 14.94 -5.61
C GLY A 301 -0.06 14.41 -7.02
N PRO A 302 -1.14 13.85 -7.58
CA PRO A 302 -1.02 13.12 -8.85
C PRO A 302 -0.79 14.00 -10.08
N ASN A 303 -1.03 15.30 -10.02
CA ASN A 303 -0.84 16.12 -11.21
C ASN A 303 0.52 16.84 -11.21
N SER A 304 1.41 16.45 -10.32
CA SER A 304 2.67 17.16 -10.16
C SER A 304 3.73 16.61 -11.11
N ILE A 305 4.60 17.52 -11.55
CA ILE A 305 5.79 17.10 -12.30
C ILE A 305 6.55 16.05 -11.51
N GLU A 306 6.66 16.23 -10.19
CA GLU A 306 7.38 15.27 -9.35
C GLU A 306 6.84 13.86 -9.55
N VAL A 307 5.51 13.70 -9.47
CA VAL A 307 4.92 12.37 -9.58
C VAL A 307 5.14 11.84 -10.98
N GLU A 308 4.83 12.64 -11.99
CA GLU A 308 5.05 12.18 -13.36
C GLU A 308 6.48 11.69 -13.53
N ASP A 309 7.47 12.47 -13.09
CA ASP A 309 8.86 12.06 -13.22
C ASP A 309 9.14 10.79 -12.43
N THR A 310 8.47 10.61 -11.29
CA THR A 310 8.61 9.35 -10.56
C THR A 310 8.16 8.16 -11.42
N TYR A 311 7.05 8.31 -12.15
CA TYR A 311 6.52 7.21 -12.96
C TYR A 311 7.37 6.97 -14.19
N LEU A 312 7.88 8.03 -14.81
CA LEU A 312 8.84 7.83 -15.90
C LEU A 312 10.09 7.13 -15.39
N ARG A 313 10.58 7.49 -14.21
CA ARG A 313 11.77 6.81 -13.71
C ARG A 313 11.43 5.39 -13.27
N LEU A 314 10.30 5.20 -12.59
CA LEU A 314 9.88 3.84 -12.23
C LEU A 314 9.77 2.98 -13.48
N ASP A 315 9.20 3.53 -14.54
CA ASP A 315 9.09 2.74 -15.75
C ASP A 315 10.44 2.27 -16.24
N ARG A 316 11.45 3.15 -16.28
CA ARG A 316 12.73 2.65 -16.76
C ARG A 316 13.26 1.58 -15.83
N ASP A 317 13.12 1.77 -14.51
CA ASP A 317 13.62 0.78 -13.56
C ASP A 317 12.96 -0.58 -13.76
N LEU A 318 11.69 -0.60 -14.14
CA LEU A 318 11.01 -1.88 -14.34
C LEU A 318 11.48 -2.55 -15.62
N ALA A 319 11.75 -1.77 -16.66
CA ALA A 319 12.36 -2.33 -17.86
C ALA A 319 13.67 -3.03 -17.51
N ASP A 320 14.53 -2.36 -16.74
CA ASP A 320 15.76 -3.01 -16.28
C ASP A 320 15.44 -4.25 -15.46
N PHE A 321 14.49 -4.13 -14.52
CA PHE A 321 14.14 -5.24 -13.65
C PHE A 321 13.68 -6.45 -14.44
N PHE A 322 12.82 -6.24 -15.44
CA PHE A 322 12.33 -7.37 -16.22
C PHE A 322 13.43 -7.97 -17.08
N ASN A 323 14.38 -7.15 -17.53
CA ASN A 323 15.52 -7.67 -18.28
C ASN A 323 16.43 -8.50 -17.38
N ASN A 324 16.69 -8.08 -16.15
CA ASN A 324 17.42 -8.92 -15.19
C ASN A 324 16.74 -10.27 -14.99
N LEU A 325 15.41 -10.26 -14.84
CA LEU A 325 14.70 -11.54 -14.71
C LEU A 325 14.86 -12.39 -15.96
N ASP A 326 14.77 -11.77 -17.15
CA ASP A 326 14.99 -12.51 -18.39
C ASP A 326 16.34 -13.24 -18.36
N LYS A 327 17.35 -12.57 -17.80
CA LYS A 327 18.71 -13.07 -17.81
C LYS A 327 18.92 -14.12 -16.73
N LYS A 328 18.39 -13.88 -15.53
CA LYS A 328 18.66 -14.73 -14.38
C LYS A 328 17.75 -15.94 -14.27
N VAL A 329 16.57 -15.89 -14.90
CA VAL A 329 15.57 -16.94 -14.69
C VAL A 329 15.16 -17.46 -16.05
N GLY A 330 15.11 -16.56 -17.02
CA GLY A 330 14.78 -16.95 -18.39
C GLY A 330 13.40 -16.46 -18.73
N LYS A 331 13.24 -15.85 -19.89
CA LYS A 331 11.93 -15.34 -20.26
C LYS A 331 10.98 -16.49 -20.45
N GLY A 332 9.74 -16.30 -20.04
CA GLY A 332 8.75 -17.36 -20.02
C GLY A 332 8.78 -18.23 -18.77
N ASN A 333 9.83 -18.14 -17.97
CA ASN A 333 9.95 -18.99 -16.78
C ASN A 333 9.48 -18.28 -15.53
N TYR A 334 9.04 -17.04 -15.64
CA TYR A 334 8.57 -16.33 -14.46
C TYR A 334 7.22 -15.67 -14.73
N LEU A 335 6.50 -15.48 -13.64
CA LEU A 335 5.17 -14.88 -13.64
C LEU A 335 5.25 -13.59 -12.85
N VAL A 336 4.78 -12.49 -13.42
CA VAL A 336 4.75 -11.22 -12.74
C VAL A 336 3.32 -10.72 -12.68
N PHE A 337 2.93 -10.18 -11.55
CA PHE A 337 1.73 -9.37 -11.49
C PHE A 337 2.10 -8.04 -10.87
N LEU A 338 1.46 -7.01 -11.38
CA LEU A 338 1.66 -5.65 -10.92
C LEU A 338 0.30 -5.06 -10.61
N SER A 339 0.19 -4.47 -9.42
CA SER A 339 -1.03 -3.85 -8.98
C SER A 339 -0.67 -2.70 -8.05
N ALA A 340 -1.69 -2.15 -7.42
CA ALA A 340 -1.54 -1.08 -6.46
C ALA A 340 -2.39 -1.42 -5.26
N ASP A 341 -2.05 -0.82 -4.11
CA ASP A 341 -2.78 -1.03 -2.87
C ASP A 341 -3.86 0.02 -2.67
N HIS A 342 -3.91 1.01 -3.56
CA HIS A 342 -4.89 2.08 -3.58
C HIS A 342 -4.47 3.11 -4.61
N GLY A 343 -5.38 4.00 -4.95
CA GLY A 343 -5.13 5.14 -5.80
C GLY A 343 -4.87 6.37 -4.96
N ALA A 344 -5.40 7.51 -5.39
CA ALA A 344 -5.31 8.74 -4.63
C ALA A 344 -6.19 9.78 -5.28
N ALA A 345 -6.73 10.68 -4.47
CA ALA A 345 -7.47 11.83 -4.98
C ALA A 345 -6.51 12.81 -5.63
N HIS A 346 -7.08 13.74 -6.41
CA HIS A 346 -6.39 14.99 -6.72
C HIS A 346 -6.29 15.86 -5.47
N SER A 347 -5.20 16.64 -5.39
CA SER A 347 -5.04 17.63 -4.34
C SER A 347 -6.27 18.53 -4.26
N VAL A 348 -6.61 18.96 -3.03
CA VAL A 348 -7.75 19.86 -2.85
C VAL A 348 -7.54 21.15 -3.64
N GLY A 349 -6.32 21.70 -3.58
CA GLY A 349 -6.07 22.97 -4.25
C GLY A 349 -6.14 22.85 -5.75
N PHE A 350 -5.63 21.74 -6.29
CA PHE A 350 -5.73 21.46 -7.73
C PHE A 350 -7.19 21.34 -8.16
N MET A 351 -8.03 20.66 -7.37
CA MET A 351 -9.45 20.57 -7.67
C MET A 351 -10.10 21.95 -7.64
N GLN A 352 -9.74 22.77 -6.64
CA GLN A 352 -10.30 24.13 -6.58
C GLN A 352 -9.83 24.96 -7.76
N ALA A 353 -8.55 24.84 -8.12
CA ALA A 353 -8.02 25.51 -9.29
C ALA A 353 -8.84 25.21 -10.54
N HIS A 354 -9.53 24.06 -10.59
CA HIS A 354 -10.29 23.66 -11.77
C HIS A 354 -11.77 23.41 -11.49
N LYS A 355 -12.31 24.02 -10.44
CA LYS A 355 -13.75 24.06 -10.17
C LYS A 355 -14.38 22.69 -9.88
N MET A 356 -13.58 21.70 -9.43
CA MET A 356 -14.12 20.38 -9.10
C MET A 356 -14.59 20.38 -7.64
N PRO A 357 -15.71 19.73 -7.34
CA PRO A 357 -16.17 19.67 -5.94
C PRO A 357 -15.09 19.05 -5.04
N THR A 358 -14.80 19.74 -3.94
CA THR A 358 -13.79 19.22 -3.02
C THR A 358 -13.98 19.92 -1.68
N GLY A 359 -12.99 19.76 -0.81
CA GLY A 359 -13.02 20.31 0.53
C GLY A 359 -12.12 19.52 1.45
N PHE A 360 -12.01 20.02 2.66
CA PHE A 360 -11.31 19.30 3.71
C PHE A 360 -12.32 18.80 4.74
N PHE A 361 -12.11 17.56 5.18
CA PHE A 361 -12.92 16.96 6.21
C PHE A 361 -12.55 17.54 7.57
N MET A 365 -11.21 15.67 15.34
CA MET A 365 -12.53 16.09 15.79
C MET A 365 -12.76 15.72 17.26
N LYS A 366 -11.83 14.93 17.79
CA LYS A 366 -12.03 14.34 19.12
C LYS A 366 -12.27 15.41 20.19
N LYS A 367 -11.35 16.38 20.29
CA LYS A 367 -11.48 17.41 21.32
C LYS A 367 -12.84 18.11 21.22
N GLU A 368 -13.20 18.57 20.01
CA GLU A 368 -14.45 19.30 19.85
C GLU A 368 -15.65 18.44 20.21
N MET A 369 -15.72 17.23 19.64
CA MET A 369 -16.89 16.37 19.79
C MET A 369 -17.01 15.85 21.22
N ASN A 370 -15.87 15.64 21.89
CA ASN A 370 -15.90 15.25 23.30
C ASN A 370 -16.44 16.37 24.18
N ALA A 371 -16.02 17.60 23.95
CA ALA A 371 -16.55 18.74 24.69
C ALA A 371 -18.08 18.78 24.63
N LYS A 372 -18.65 18.76 23.42
CA LYS A 372 -20.11 18.73 23.30
C LYS A 372 -20.69 17.52 24.01
N LEU A 373 -20.02 16.37 23.93
CA LEU A 373 -20.52 15.16 24.57
C LEU A 373 -20.47 15.27 26.10
N LYS A 374 -19.55 16.05 26.66
CA LYS A 374 -19.55 16.27 28.10
C LYS A 374 -20.70 17.18 28.49
N GLN A 375 -20.87 18.29 27.76
CA GLN A 375 -21.98 19.23 28.00
C GLN A 375 -23.34 18.60 27.73
N LYS A 376 -23.40 17.33 27.37
CA LYS A 376 -24.65 16.64 27.06
C LYS A 376 -24.88 15.40 27.91
N PHE A 377 -23.82 14.63 28.19
CA PHE A 377 -23.93 13.38 28.94
C PHE A 377 -23.24 13.42 30.29
N GLY A 378 -22.40 14.41 30.55
CA GLY A 378 -21.76 14.55 31.85
C GLY A 378 -20.60 13.61 32.07
N ALA A 379 -19.73 13.43 31.08
CA ALA A 379 -18.52 12.62 31.25
C ALA A 379 -17.54 13.01 30.15
N ASP A 380 -16.26 13.00 30.50
CA ASP A 380 -15.20 13.40 29.58
C ASP A 380 -14.54 12.19 28.93
N ASN A 381 -13.87 12.46 27.80
CA ASN A 381 -13.20 11.42 27.01
C ASN A 381 -14.14 10.25 26.73
N ILE A 382 -15.35 10.57 26.28
CA ILE A 382 -16.25 9.51 25.85
C ILE A 382 -15.76 8.91 24.53
N ILE A 383 -15.24 9.74 23.64
CA ILE A 383 -14.60 9.26 22.41
C ILE A 383 -13.15 8.88 22.74
N ALA A 384 -12.81 7.61 22.54
CA ALA A 384 -11.44 7.15 22.73
C ALA A 384 -10.53 7.53 21.57
N ALA A 385 -11.04 7.50 20.33
CA ALA A 385 -10.20 7.71 19.16
C ALA A 385 -11.05 8.01 17.92
N ALA A 386 -10.45 8.75 16.97
CA ALA A 386 -11.10 9.11 15.70
C ALA A 386 -10.06 9.02 14.59
N MET A 387 -10.15 7.97 13.79
CA MET A 387 -9.12 7.63 12.82
C MET A 387 -9.75 6.71 11.78
N ASN A 388 -9.14 6.69 10.60
CA ASN A 388 -9.64 5.87 9.49
C ASN A 388 -11.13 6.10 9.24
N TYR A 389 -11.56 7.36 9.37
CA TYR A 389 -12.97 7.76 9.13
C TYR A 389 -13.93 7.02 10.06
N GLN A 390 -13.45 6.71 11.27
CA GLN A 390 -14.20 5.94 12.25
C GLN A 390 -14.13 6.64 13.61
N VAL A 391 -15.14 6.38 14.42
CA VAL A 391 -15.19 6.84 15.80
C VAL A 391 -15.25 5.65 16.72
N TYR A 392 -14.37 5.62 17.72
CA TYR A 392 -14.39 4.63 18.78
C TYR A 392 -14.80 5.28 20.09
N PHE A 393 -15.77 4.71 20.76
CA PHE A 393 -16.16 5.19 22.08
C PHE A 393 -15.43 4.41 23.17
N ASP A 394 -15.06 5.13 24.23
CA ASP A 394 -14.20 4.63 25.29
C ASP A 394 -15.02 3.71 26.18
N ARG A 395 -14.92 2.41 25.98
CA ARG A 395 -15.78 1.49 26.73
C ARG A 395 -15.60 1.65 28.24
N LYS A 396 -14.41 2.05 28.69
CA LYS A 396 -14.19 2.32 30.11
C LYS A 396 -15.13 3.42 30.60
N VAL A 397 -15.00 4.62 30.01
CA VAL A 397 -15.81 5.77 30.43
C VAL A 397 -17.28 5.42 30.43
N LEU A 398 -17.74 4.74 29.37
CA LEU A 398 -19.15 4.39 29.28
C LEU A 398 -19.59 3.59 30.51
N ALA A 399 -18.82 2.56 30.87
CA ALA A 399 -19.20 1.73 32.02
C ALA A 399 -19.05 2.49 33.33
N ASP A 400 -17.97 3.27 33.47
CA ASP A 400 -17.77 4.04 34.70
C ASP A 400 -18.85 5.11 34.86
N SER A 401 -19.14 5.85 33.80
CA SER A 401 -20.15 6.91 33.88
C SER A 401 -21.57 6.38 33.69
N LYS A 402 -21.73 5.07 33.60
CA LYS A 402 -23.05 4.49 33.38
C LYS A 402 -23.70 5.15 32.16
N LEU A 403 -23.16 4.87 30.97
CA LEU A 403 -23.69 5.44 29.74
C LEU A 403 -23.87 4.33 28.71
N GLU A 404 -24.89 4.49 27.87
CA GLU A 404 -25.21 3.51 26.83
C GLU A 404 -24.48 3.84 25.54
N LEU A 405 -23.79 2.84 24.97
CA LEU A 405 -23.11 3.04 23.70
C LEU A 405 -24.04 3.60 22.64
N ASP A 406 -25.27 3.07 22.55
CA ASP A 406 -26.18 3.44 21.47
C ASP A 406 -26.62 4.89 21.59
N ASP A 407 -26.82 5.38 22.82
CA ASP A 407 -27.26 6.77 22.99
C ASP A 407 -26.16 7.74 22.60
N VAL A 408 -24.94 7.48 23.09
CA VAL A 408 -23.80 8.32 22.71
C VAL A 408 -23.54 8.21 21.22
N ARG A 409 -23.67 6.99 20.65
CA ARG A 409 -23.46 6.80 19.23
C ARG A 409 -24.50 7.56 18.42
N ASP A 410 -25.76 7.55 18.87
CA ASP A 410 -26.81 8.28 18.16
C ASP A 410 -26.57 9.78 18.20
N TYR A 411 -26.19 10.35 19.35
CA TYR A 411 -25.88 11.77 19.37
C TYR A 411 -24.76 12.09 18.38
N VAL A 412 -23.71 11.27 18.39
CA VAL A 412 -22.56 11.59 17.53
C VAL A 412 -22.96 11.51 16.07
N MET A 413 -23.81 10.55 15.72
CA MET A 413 -24.23 10.40 14.33
C MET A 413 -25.07 11.59 13.89
N THR A 414 -26.11 11.94 14.66
CA THR A 414 -26.88 13.15 14.37
C THR A 414 -25.97 14.35 14.23
N GLU A 415 -24.96 14.46 15.09
CA GLU A 415 -24.04 15.58 14.95
C GLU A 415 -23.22 15.46 13.67
N LEU A 416 -22.75 14.26 13.33
CA LEU A 416 -21.90 14.13 12.16
C LEU A 416 -22.65 14.37 10.87
N LYS A 417 -23.96 14.06 10.84
CA LYS A 417 -24.74 14.24 9.62
C LYS A 417 -24.68 15.66 9.12
N LYS A 418 -24.94 16.62 10.00
CA LYS A 418 -24.91 18.03 9.59
C LYS A 418 -23.54 18.46 9.09
N GLU A 419 -22.50 17.65 9.27
CA GLU A 419 -21.23 18.03 8.68
C GLU A 419 -21.43 18.20 7.17
N PRO A 420 -20.53 18.93 6.51
CA PRO A 420 -20.75 19.25 5.10
C PRO A 420 -20.11 18.22 4.18
N SER A 421 -18.92 17.77 4.59
CA SER A 421 -18.15 16.81 3.83
C SER A 421 -18.74 15.40 3.91
N VAL A 422 -19.83 15.21 4.64
CA VAL A 422 -20.29 13.89 5.04
C VAL A 422 -21.45 13.46 4.16
N LEU A 423 -21.27 12.33 3.47
CA LEU A 423 -22.32 11.73 2.66
C LEU A 423 -23.17 10.74 3.47
N TYR A 424 -22.55 9.78 4.13
CA TYR A 424 -23.25 8.84 4.98
C TYR A 424 -22.50 8.72 6.30
N VAL A 425 -23.28 8.52 7.35
CA VAL A 425 -22.76 8.18 8.67
C VAL A 425 -23.60 7.04 9.20
N LEU A 426 -22.96 6.00 9.68
CA LEU A 426 -23.76 4.88 10.19
C LEU A 426 -23.06 4.19 11.34
N SER A 427 -23.86 3.50 12.14
CA SER A 427 -23.36 2.65 13.19
C SER A 427 -22.90 1.34 12.58
N THR A 428 -21.69 0.91 12.95
CA THR A 428 -21.13 -0.32 12.38
C THR A 428 -21.84 -1.56 12.87
N ASP A 429 -22.73 -1.44 13.86
CA ASP A 429 -23.65 -2.53 14.20
C ASP A 429 -24.78 -2.68 13.19
N GLU A 430 -25.17 -1.61 12.50
CA GLU A 430 -26.33 -1.60 11.60
C GLU A 430 -25.97 -1.20 10.18
N ILE A 431 -24.99 -1.84 9.58
CA ILE A 431 -24.60 -1.52 8.21
C ILE A 431 -25.60 -2.09 7.22
N TRP A 432 -25.99 -3.35 7.40
CA TRP A 432 -26.70 -4.06 6.35
C TRP A 432 -28.08 -3.46 6.11
N GLU A 433 -28.69 -2.87 7.13
CA GLU A 433 -30.02 -2.28 6.98
C GLU A 433 -30.02 -0.79 6.65
N SER A 434 -28.86 -0.17 6.52
CA SER A 434 -28.81 1.25 6.24
C SER A 434 -29.13 1.50 4.78
N SER A 435 -29.54 2.73 4.51
CA SER A 435 -29.99 3.16 3.18
C SER A 435 -28.80 3.67 2.36
N ILE A 436 -27.86 2.77 2.12
CA ILE A 436 -26.64 3.08 1.41
C ILE A 436 -26.59 2.19 0.16
N PRO A 437 -26.29 2.73 -1.01
CA PRO A 437 -26.25 1.89 -2.21
C PRO A 437 -25.00 1.04 -2.22
N GLU A 438 -25.06 0.01 -3.05
CA GLU A 438 -23.89 -0.75 -3.45
C GLU A 438 -23.11 0.11 -4.47
N PRO A 439 -21.80 -0.07 -4.55
CA PRO A 439 -21.02 -1.08 -3.87
C PRO A 439 -20.56 -0.62 -2.49
N ILE A 440 -20.97 0.59 -2.10
CA ILE A 440 -20.49 1.16 -0.84
C ILE A 440 -20.86 0.26 0.35
N LYS A 441 -22.10 -0.16 0.44
CA LYS A 441 -22.57 -0.93 1.59
C LYS A 441 -21.70 -2.16 1.83
N SER A 442 -21.53 -3.00 0.80
CA SER A 442 -20.72 -4.21 0.96
C SER A 442 -19.27 -3.88 1.27
N ARG A 443 -18.75 -2.79 0.72
CA ARG A 443 -17.38 -2.42 1.03
C ARG A 443 -17.23 -2.03 2.50
N VAL A 444 -18.27 -1.41 3.06
CA VAL A 444 -18.23 -1.05 4.48
C VAL A 444 -18.26 -2.31 5.35
N ILE A 445 -19.12 -3.26 4.99
CA ILE A 445 -19.13 -4.56 5.65
C ILE A 445 -17.75 -5.20 5.59
N ASN A 446 -17.21 -5.33 4.37
CA ASN A 446 -15.94 -6.01 4.18
C ASN A 446 -14.83 -5.37 4.97
N GLY A 447 -14.89 -4.04 5.17
CA GLY A 447 -13.87 -3.35 5.93
C GLY A 447 -14.05 -3.31 7.44
N TYR A 448 -15.18 -3.79 7.97
CA TYR A 448 -15.52 -3.62 9.37
C TYR A 448 -14.99 -4.81 10.17
N ASN A 449 -13.99 -4.58 10.99
CA ASN A 449 -13.42 -5.61 11.87
C ASN A 449 -14.01 -5.42 13.26
N TRP A 450 -14.71 -6.43 13.75
CA TRP A 450 -15.46 -6.29 15.00
C TRP A 450 -14.54 -5.93 16.17
N LYS A 451 -13.33 -6.49 16.18
CA LYS A 451 -12.43 -6.26 17.31
C LYS A 451 -11.66 -4.95 17.19
N ARG A 452 -11.31 -4.55 15.97
CA ARG A 452 -10.33 -3.51 15.74
C ARG A 452 -10.88 -2.26 15.05
N SER A 453 -12.10 -2.30 14.52
CA SER A 453 -12.70 -1.15 13.86
C SER A 453 -13.61 -0.38 14.80
N GLY A 454 -13.83 0.90 14.48
CA GLY A 454 -14.64 1.78 15.31
C GLY A 454 -16.14 1.45 15.29
N ASP A 455 -16.88 2.21 16.10
CA ASP A 455 -18.31 2.01 16.33
C ASP A 455 -19.18 2.81 15.36
N ILE A 456 -18.60 3.82 14.73
CA ILE A 456 -19.27 4.61 13.71
C ILE A 456 -18.40 4.65 12.46
N GLN A 457 -19.06 4.54 11.31
CA GLN A 457 -18.45 4.67 9.99
C GLN A 457 -18.92 5.95 9.32
N ILE A 458 -17.97 6.69 8.72
CA ILE A 458 -18.24 7.93 8.01
C ILE A 458 -17.83 7.73 6.54
N ILE A 459 -18.72 8.14 5.62
CA ILE A 459 -18.42 8.16 4.19
C ILE A 459 -18.52 9.62 3.73
N SER A 460 -17.46 10.12 3.13
CA SER A 460 -17.41 11.52 2.73
C SER A 460 -17.99 11.74 1.33
N LYS A 461 -18.49 12.96 1.08
CA LYS A 461 -18.80 13.41 -0.27
C LYS A 461 -17.56 13.32 -1.17
N ASP A 462 -17.81 13.06 -2.46
CA ASP A 462 -16.75 12.92 -3.43
C ASP A 462 -15.75 14.07 -3.32
N GLY A 463 -14.46 13.74 -3.48
CA GLY A 463 -13.43 14.72 -3.69
C GLY A 463 -12.90 15.38 -2.43
N TYR A 464 -13.51 15.11 -1.28
CA TYR A 464 -13.06 15.69 -0.03
C TYR A 464 -11.88 14.90 0.51
N LEU A 465 -10.93 15.61 1.12
CA LEU A 465 -9.74 15.03 1.71
C LEU A 465 -9.68 15.35 3.20
N SER A 466 -9.04 14.47 3.94
CA SER A 466 -8.66 14.74 5.31
C SER A 466 -7.75 15.97 5.38
N SER A 469 -3.33 16.92 6.31
CA SER A 469 -2.36 17.68 5.52
C SER A 469 -3.09 18.35 4.37
N LYS A 470 -2.82 19.65 4.19
CA LYS A 470 -3.50 20.47 3.19
C LYS A 470 -2.74 20.55 1.87
N LYS A 471 -1.56 19.94 1.79
CA LYS A 471 -0.79 19.85 0.57
C LYS A 471 -0.73 18.40 0.11
N GLY A 472 -0.32 18.21 -1.14
CA GLY A 472 -0.25 16.86 -1.67
C GLY A 472 -1.64 16.25 -1.71
N THR A 473 -1.71 14.96 -1.40
CA THR A 473 -3.00 14.27 -1.40
C THR A 473 -2.94 13.11 -0.43
N THR A 474 -4.09 12.45 -0.29
CA THR A 474 -4.16 11.19 0.43
C THR A 474 -5.26 10.29 -0.17
N HIS A 475 -5.41 9.13 0.45
CA HIS A 475 -6.28 8.06 -0.01
C HIS A 475 -7.00 7.50 1.19
N SER A 476 -8.30 7.20 1.03
CA SER A 476 -9.03 6.44 2.04
C SER A 476 -10.44 6.02 1.63
N VAL A 477 -10.99 6.59 0.57
CA VAL A 477 -12.44 6.51 0.31
C VAL A 477 -12.76 5.37 -0.66
N TRP A 478 -14.05 5.09 -0.83
CA TRP A 478 -14.51 4.07 -1.77
C TRP A 478 -14.40 4.56 -3.20
N ASN A 479 -14.44 5.88 -3.40
CA ASN A 479 -14.56 6.45 -4.74
C ASN A 479 -13.51 5.90 -5.67
N SER A 480 -13.87 5.85 -6.96
CA SER A 480 -13.06 5.16 -7.95
C SER A 480 -11.64 5.72 -8.01
N TYR A 481 -11.44 7.01 -7.73
CA TYR A 481 -10.08 7.52 -7.82
C TYR A 481 -9.14 6.86 -6.80
N ASP A 482 -9.66 6.48 -5.62
CA ASP A 482 -8.89 5.74 -4.62
C ASP A 482 -8.99 4.22 -4.81
N SER A 483 -10.09 3.72 -5.34
CA SER A 483 -10.31 2.28 -5.34
C SER A 483 -9.97 1.58 -6.66
N HIS A 484 -9.82 2.33 -7.76
CA HIS A 484 -9.58 1.75 -9.08
C HIS A 484 -8.09 1.53 -9.22
N ILE A 485 -7.67 0.27 -9.23
CA ILE A 485 -6.24 -0.05 -9.21
C ILE A 485 -5.86 -0.71 -10.52
N PRO A 486 -4.64 -0.50 -11.00
CA PRO A 486 -4.16 -1.27 -12.14
C PRO A 486 -3.98 -2.71 -11.74
N LEU A 487 -4.00 -3.57 -12.72
CA LEU A 487 -3.71 -4.99 -12.47
C LEU A 487 -3.25 -5.61 -13.77
N LEU A 488 -1.98 -5.97 -13.83
CA LEU A 488 -1.39 -6.53 -15.02
C LEU A 488 -0.60 -7.79 -14.68
N PHE A 489 -0.78 -8.78 -15.52
CA PHE A 489 -0.08 -10.04 -15.44
C PHE A 489 0.82 -10.17 -16.67
N MET A 490 1.99 -10.77 -16.49
CA MET A 490 2.83 -11.08 -17.64
C MET A 490 3.64 -12.33 -17.36
N GLY A 491 3.90 -13.09 -18.42
CA GLY A 491 4.80 -14.22 -18.35
C GLY A 491 4.14 -15.56 -18.36
N TRP A 492 4.73 -16.48 -17.60
CA TRP A 492 4.32 -17.88 -17.56
C TRP A 492 2.81 -18.01 -17.34
N GLY A 493 2.15 -18.73 -18.25
CA GLY A 493 0.75 -19.02 -18.11
C GLY A 493 -0.21 -17.92 -18.50
N ILE A 494 0.31 -16.77 -18.96
CA ILE A 494 -0.49 -15.57 -19.15
C ILE A 494 -0.59 -15.25 -20.63
N LYS A 495 -1.83 -15.14 -21.12
CA LYS A 495 -2.08 -14.67 -22.48
C LYS A 495 -2.05 -13.14 -22.53
N GLN A 496 -1.79 -12.61 -23.73
CA GLN A 496 -1.81 -11.16 -23.96
C GLN A 496 -3.23 -10.72 -24.23
N GLY A 497 -3.62 -9.59 -23.65
CA GLY A 497 -4.97 -9.10 -23.85
C GLY A 497 -5.35 -8.05 -22.82
N GLU A 498 -6.64 -7.71 -22.82
CA GLU A 498 -7.16 -6.70 -21.93
C GLU A 498 -8.64 -6.99 -21.68
N SER A 499 -9.13 -6.55 -20.53
CA SER A 499 -10.54 -6.72 -20.21
C SER A 499 -11.06 -5.52 -19.46
N ASN A 500 -12.34 -5.21 -19.69
CA ASN A 500 -13.08 -4.25 -18.88
C ASN A 500 -14.13 -4.91 -18.01
N GLN A 501 -14.13 -6.23 -17.89
CA GLN A 501 -15.02 -6.88 -16.93
C GLN A 501 -14.67 -6.42 -15.52
N PRO A 502 -15.64 -6.38 -14.62
CA PRO A 502 -15.34 -5.95 -13.25
C PRO A 502 -14.68 -7.06 -12.46
N TYR A 503 -13.67 -6.67 -11.69
CA TYR A 503 -12.99 -7.56 -10.77
C TYR A 503 -12.63 -6.78 -9.49
N HIS A 504 -12.22 -7.54 -8.47
CA HIS A 504 -11.90 -6.95 -7.18
C HIS A 504 -10.44 -7.20 -6.85
N MET A 505 -9.93 -6.34 -5.97
CA MET A 505 -8.60 -6.57 -5.40
C MET A 505 -8.49 -7.96 -4.78
N THR A 506 -9.56 -8.47 -4.17
CA THR A 506 -9.50 -9.80 -3.58
C THR A 506 -9.45 -10.93 -4.61
N ASP A 507 -9.53 -10.64 -5.92
CA ASP A 507 -9.41 -11.67 -6.95
C ASP A 507 -7.98 -11.95 -7.39
N ILE A 508 -7.01 -11.14 -6.96
CA ILE A 508 -5.63 -11.36 -7.39
C ILE A 508 -5.05 -12.66 -6.81
N ALA A 509 -5.08 -12.80 -5.48
CA ALA A 509 -4.52 -13.99 -4.85
C ALA A 509 -5.16 -15.28 -5.33
N PRO A 510 -6.48 -15.39 -5.50
CA PRO A 510 -7.01 -16.64 -6.06
C PRO A 510 -6.53 -16.87 -7.47
N THR A 511 -6.34 -15.83 -8.28
CA THR A 511 -5.80 -16.02 -9.62
C THR A 511 -4.43 -16.67 -9.54
N VAL A 512 -3.52 -16.09 -8.74
CA VAL A 512 -2.19 -16.67 -8.58
C VAL A 512 -2.30 -18.07 -8.01
N SER A 513 -3.17 -18.27 -7.01
CA SER A 513 -3.37 -19.64 -6.49
C SER A 513 -3.75 -20.61 -7.60
N SER A 514 -4.72 -20.24 -8.44
CA SER A 514 -5.17 -21.16 -9.48
C SER A 514 -4.06 -21.42 -10.48
N LEU A 515 -3.30 -20.38 -10.84
CA LEU A 515 -2.21 -20.54 -11.79
C LEU A 515 -1.17 -21.50 -11.26
N LEU A 516 -0.91 -21.46 -9.97
CA LEU A 516 0.09 -22.32 -9.36
C LEU A 516 -0.43 -23.67 -8.93
N LYS A 517 -1.75 -23.90 -9.04
CA LYS A 517 -2.34 -25.13 -8.56
C LYS A 517 -2.02 -25.35 -7.08
N ILE A 518 -2.23 -24.29 -6.29
CA ILE A 518 -2.10 -24.34 -4.84
C ILE A 518 -3.40 -23.91 -4.18
N GLN A 519 -3.57 -24.34 -2.93
CA GLN A 519 -4.76 -24.01 -2.16
C GLN A 519 -4.87 -22.50 -1.96
N PHE A 520 -6.11 -21.99 -2.06
CA PHE A 520 -6.42 -20.59 -1.80
C PHE A 520 -6.05 -20.18 -0.38
N PRO A 521 -5.76 -18.89 -0.15
CA PRO A 521 -5.51 -18.42 1.21
C PRO A 521 -6.74 -18.59 2.09
N SER A 522 -6.49 -18.69 3.39
CA SER A 522 -7.52 -19.19 4.29
C SER A 522 -8.69 -18.22 4.46
N GLY A 523 -8.48 -16.91 4.27
CA GLY A 523 -9.53 -15.93 4.45
C GLY A 523 -10.06 -15.38 3.14
N ALA A 524 -9.76 -16.06 2.04
CA ALA A 524 -10.09 -15.55 0.72
C ALA A 524 -11.58 -15.48 0.51
N VAL A 525 -12.03 -14.35 -0.05
CA VAL A 525 -13.40 -14.17 -0.51
C VAL A 525 -13.51 -14.01 -2.01
N GLY A 526 -12.39 -13.92 -2.74
CA GLY A 526 -12.42 -13.56 -4.14
C GLY A 526 -12.44 -14.77 -5.04
N LYS A 527 -12.36 -14.52 -6.34
CA LYS A 527 -12.38 -15.59 -7.32
C LYS A 527 -11.29 -15.42 -8.38
N PRO A 528 -10.82 -16.52 -8.95
CA PRO A 528 -9.80 -16.41 -9.99
C PRO A 528 -10.34 -15.62 -11.17
N ILE A 529 -9.49 -14.76 -11.71
CA ILE A 529 -9.75 -14.05 -12.96
C ILE A 529 -9.40 -15.00 -14.10
N THR A 530 -10.41 -15.75 -14.56
CA THR A 530 -10.20 -16.86 -15.48
C THR A 530 -9.71 -16.38 -16.83
N GLU A 531 -10.08 -15.17 -17.25
CA GLU A 531 -9.69 -14.77 -18.60
C GLU A 531 -8.19 -14.48 -18.76
N VAL A 532 -7.40 -14.35 -17.69
CA VAL A 532 -5.97 -14.20 -17.87
C VAL A 532 -5.27 -15.55 -18.02
N ILE A 533 -5.90 -16.63 -17.53
CA ILE A 533 -5.26 -17.94 -17.50
C ILE A 533 -5.24 -18.54 -18.90
N GLY A 534 -4.03 -18.76 -19.43
CA GLY A 534 -3.85 -19.39 -20.73
C GLY A 534 -3.48 -20.88 -20.66
ZN ZN B . -0.28 2.60 0.14
ZN ZN C . -0.18 6.47 1.42
ZN ZN D . 6.44 20.90 -8.52
ZN ZN E . 13.34 -22.30 -6.40
CL CL F . 0.38 3.98 2.86
#